data_3O3J
#
_entry.id   3O3J
#
_cell.length_a   57.500
_cell.length_b   57.500
_cell.length_c   144.840
_cell.angle_alpha   90.00
_cell.angle_beta   90.00
_cell.angle_gamma   90.00
#
_symmetry.space_group_name_H-M   'P 43 21 2'
#
loop_
_entity.id
_entity.type
_entity.pdbx_description
1 polymer 'Peptide deformylase 1B'
2 non-polymer 'ZINC ION'
3 non-polymer 2-(5-bromo-1H-indol-3-yl)-N-hydroxyacetamide
4 water water
#
_entity_poly.entity_id   1
_entity_poly.type   'polypeptide(L)'
_entity_poly.pdbx_seq_one_letter_code
;MEIVEYPDPILRAKNKRIDIFDENLKNLVDAMFDVMYKTDGIGLSAPQVGLNVQLMVFNPAGEPGEGKEIVLVNPKIKKY
SDKLVPFDEGCLSFPGIYAEVVRPQSVKIDARDITGERFSISLSRLPARIFQHEYDHLEGVLFFDRMTDQVLDSIREELE
ALEKKYEEKTGLPSPERVEARQKRKAGVGFGKR
;
_entity_poly.pdbx_strand_id   A
#
loop_
_chem_comp.id
_chem_comp.type
_chem_comp.name
_chem_comp.formula
BB4 non-polymer 2-(5-bromo-1H-indol-3-yl)-N-hydroxyacetamide 'C10 H9 Br N2 O2'
ZN non-polymer 'ZINC ION' 'Zn 2'
#
# COMPACT_ATOMS: atom_id res chain seq x y z
N MET A 1 -13.88 0.15 -11.85
CA MET A 1 -12.72 0.47 -10.92
C MET A 1 -11.60 -0.32 -11.34
N GLU A 2 -10.38 -0.12 -10.89
CA GLU A 2 -9.22 -0.94 -11.40
C GLU A 2 -7.87 -0.72 -10.64
N ILE A 3 -7.18 -1.74 -10.24
CA ILE A 3 -5.97 -1.52 -9.52
C ILE A 3 -4.75 -1.05 -10.40
N VAL A 4 -4.22 0.17 -10.21
CA VAL A 4 -2.99 0.64 -10.83
C VAL A 4 -1.74 -0.25 -10.56
N GLU A 5 -0.94 -0.61 -11.57
CA GLU A 5 0.27 -1.35 -11.19
C GLU A 5 1.62 -0.74 -11.52
N TYR A 6 2.65 -1.28 -10.81
CA TYR A 6 4.09 -1.00 -11.13
C TYR A 6 4.40 -1.19 -12.64
N PRO A 7 5.07 -0.20 -13.32
CA PRO A 7 5.76 1.07 -13.29
C PRO A 7 4.89 2.27 -13.25
N ASP A 8 3.58 2.00 -13.47
CA ASP A 8 2.64 3.12 -13.51
C ASP A 8 3.12 4.12 -12.43
N PRO A 9 3.35 5.42 -12.82
CA PRO A 9 3.76 6.55 -11.99
C PRO A 9 2.74 6.99 -11.00
N ILE A 10 1.45 6.83 -11.21
CA ILE A 10 0.57 7.25 -10.17
C ILE A 10 0.98 6.67 -8.85
N LEU A 11 1.40 5.39 -8.84
CA LEU A 11 2.28 4.91 -7.68
C LEU A 11 3.50 5.80 -7.16
N ARG A 12 3.85 6.98 -7.67
CA ARG A 12 5.06 7.64 -7.10
C ARG A 12 4.82 9.15 -6.87
N ALA A 13 3.84 9.65 -7.67
CA ALA A 13 3.14 10.91 -7.46
C ALA A 13 2.97 11.31 -5.93
N LYS A 14 3.07 12.60 -5.64
CA LYS A 14 2.77 13.04 -4.25
C LYS A 14 1.30 12.80 -3.87
N ASN A 15 1.17 12.26 -2.71
CA ASN A 15 -0.12 12.04 -2.25
C ASN A 15 -0.72 13.17 -1.42
N LYS A 16 -1.84 13.82 -1.85
CA LYS A 16 -2.51 14.97 -1.05
C LYS A 16 -3.19 14.65 0.28
N ARG A 17 -3.28 15.63 1.18
CA ARG A 17 -4.15 15.61 2.43
C ARG A 17 -5.53 15.29 2.05
N ILE A 18 -6.36 14.76 2.87
CA ILE A 18 -7.77 14.95 2.42
C ILE A 18 -8.39 16.20 3.32
N ASP A 19 -9.38 16.96 2.83
CA ASP A 19 -10.06 17.79 3.85
C ASP A 19 -11.61 17.83 3.86
N ILE A 20 -12.26 17.60 2.73
CA ILE A 20 -13.70 17.52 2.90
C ILE A 20 -13.90 16.15 3.43
N PHE A 21 -14.88 15.98 4.29
CA PHE A 21 -15.01 14.65 4.80
C PHE A 21 -16.32 14.21 4.43
N ASP A 22 -16.62 14.13 3.17
CA ASP A 22 -18.00 14.09 2.87
C ASP A 22 -18.47 12.63 2.75
N GLU A 23 -19.53 12.55 1.95
CA GLU A 23 -20.08 11.27 1.61
C GLU A 23 -19.29 10.55 0.54
N ASN A 24 -18.91 11.22 -0.54
CA ASN A 24 -17.95 10.65 -1.42
C ASN A 24 -16.87 9.94 -0.65
N LEU A 25 -16.22 10.61 0.28
CA LEU A 25 -15.24 9.82 1.03
C LEU A 25 -15.77 8.39 1.56
N LYS A 26 -16.90 8.31 2.28
CA LYS A 26 -17.60 6.98 2.54
C LYS A 26 -17.61 6.14 1.29
N ASN A 27 -17.99 6.70 0.16
CA ASN A 27 -18.15 5.94 -1.00
C ASN A 27 -16.86 5.42 -1.42
N LEU A 28 -15.83 6.22 -1.70
CA LEU A 28 -14.46 5.62 -1.73
C LEU A 28 -14.07 4.46 -0.75
N VAL A 29 -14.06 4.70 0.51
CA VAL A 29 -13.87 3.53 1.25
C VAL A 29 -14.85 2.32 0.94
N ASP A 30 -16.13 2.44 0.46
CA ASP A 30 -16.67 1.20 0.08
C ASP A 30 -15.70 0.60 -0.99
N ALA A 31 -15.56 1.34 -2.05
CA ALA A 31 -14.85 0.67 -3.10
C ALA A 31 -13.43 0.30 -2.74
N MET A 32 -12.68 1.06 -1.96
CA MET A 32 -11.41 0.39 -1.65
C MET A 32 -11.70 -0.94 -0.91
N PHE A 33 -12.55 -0.91 0.10
CA PHE A 33 -12.64 -2.19 0.84
C PHE A 33 -13.14 -3.25 -0.19
N ASP A 34 -14.11 -2.88 -1.03
CA ASP A 34 -14.64 -3.98 -1.80
C ASP A 34 -13.65 -4.51 -2.83
N VAL A 35 -12.88 -3.69 -3.44
CA VAL A 35 -11.91 -4.18 -4.39
C VAL A 35 -10.97 -5.05 -3.64
N MET A 36 -10.71 -4.66 -2.38
CA MET A 36 -9.74 -5.48 -1.55
C MET A 36 -10.20 -6.94 -1.33
N TYR A 37 -11.49 -6.97 -0.94
CA TYR A 37 -12.16 -8.22 -0.70
C TYR A 37 -12.30 -9.06 -1.93
N LYS A 38 -12.43 -8.34 -3.05
CA LYS A 38 -12.61 -8.98 -4.38
C LYS A 38 -11.28 -9.52 -4.82
N THR A 39 -10.16 -8.80 -4.59
CA THR A 39 -8.89 -9.37 -5.01
C THR A 39 -8.26 -10.10 -3.85
N ASP A 40 -9.01 -10.30 -2.74
CA ASP A 40 -8.56 -11.21 -1.63
C ASP A 40 -7.37 -10.56 -0.90
N GLY A 41 -7.32 -9.23 -0.66
CA GLY A 41 -6.13 -8.63 0.01
C GLY A 41 -6.30 -8.24 1.47
N ILE A 42 -5.42 -7.41 2.04
CA ILE A 42 -5.66 -7.22 3.48
C ILE A 42 -5.47 -5.80 3.72
N GLY A 43 -4.98 -5.08 2.73
CA GLY A 43 -4.89 -3.63 2.73
C GLY A 43 -5.09 -3.05 1.31
N LEU A 44 -5.25 -1.74 1.20
CA LEU A 44 -5.19 -1.13 -0.13
C LEU A 44 -5.16 0.39 0.04
N SER A 45 -4.21 1.05 -0.57
CA SER A 45 -3.95 2.44 -0.35
C SER A 45 -4.47 3.17 -1.59
N ALA A 46 -4.90 4.39 -1.38
CA ALA A 46 -5.70 4.91 -2.45
C ALA A 46 -5.00 5.11 -3.82
N PRO A 47 -3.68 5.53 -3.82
CA PRO A 47 -3.15 5.64 -5.22
C PRO A 47 -3.20 4.28 -5.90
N GLN A 48 -3.43 3.17 -5.20
CA GLN A 48 -3.53 1.95 -6.03
C GLN A 48 -4.90 1.84 -6.80
N VAL A 49 -5.77 2.81 -6.60
CA VAL A 49 -6.93 2.81 -7.42
C VAL A 49 -6.93 4.08 -8.23
N GLY A 50 -5.82 4.76 -8.22
CA GLY A 50 -5.65 5.85 -9.16
C GLY A 50 -5.95 7.18 -8.47
N LEU A 51 -6.15 7.23 -7.14
CA LEU A 51 -6.33 8.49 -6.42
C LEU A 51 -5.14 8.97 -5.56
N ASN A 52 -4.44 10.03 -5.99
CA ASN A 52 -3.33 10.40 -5.16
C ASN A 52 -3.59 11.19 -3.85
N VAL A 53 -4.22 10.55 -2.86
CA VAL A 53 -4.63 11.24 -1.65
C VAL A 53 -4.28 10.31 -0.52
N GLN A 54 -3.85 10.80 0.66
CA GLN A 54 -3.46 9.88 1.78
C GLN A 54 -4.66 9.17 2.25
N LEU A 55 -4.95 8.00 1.68
CA LEU A 55 -6.01 7.22 2.31
C LEU A 55 -5.75 5.75 2.24
N MET A 56 -5.74 5.01 3.38
CA MET A 56 -5.46 3.57 3.26
C MET A 56 -6.55 2.79 3.91
N VAL A 57 -6.92 1.59 3.53
CA VAL A 57 -7.95 0.93 4.42
C VAL A 57 -7.37 -0.38 4.55
N PHE A 58 -7.80 -1.14 5.53
CA PHE A 58 -7.33 -2.46 5.54
C PHE A 58 -8.00 -3.44 6.60
N ASN A 59 -7.65 -4.77 6.58
CA ASN A 59 -8.32 -5.66 7.47
C ASN A 59 -7.60 -6.95 7.57
N PRO A 60 -6.69 -7.08 8.57
CA PRO A 60 -5.82 -8.18 8.83
C PRO A 60 -6.41 -9.49 8.60
N ALA A 61 -7.67 -9.61 8.85
CA ALA A 61 -8.20 -10.95 8.73
C ALA A 61 -8.22 -11.30 7.23
N GLY A 62 -8.42 -10.21 6.45
CA GLY A 62 -8.62 -10.17 5.05
C GLY A 62 -9.61 -11.15 4.55
N GLU A 63 -10.66 -11.44 5.27
CA GLU A 63 -11.72 -12.19 4.64
C GLU A 63 -13.00 -11.51 5.05
N PRO A 64 -14.08 -11.59 4.21
CA PRO A 64 -15.27 -10.92 4.75
C PRO A 64 -15.68 -11.58 6.02
N GLY A 65 -16.14 -10.69 6.92
CA GLY A 65 -17.02 -11.06 8.04
C GLY A 65 -16.14 -11.27 9.24
N GLU A 66 -14.82 -11.16 8.97
CA GLU A 66 -13.74 -11.60 9.83
C GLU A 66 -12.87 -10.38 10.08
N GLY A 67 -11.96 -10.44 11.06
CA GLY A 67 -11.11 -9.27 11.42
C GLY A 67 -11.88 -7.98 11.75
N LYS A 68 -11.43 -6.84 11.22
CA LYS A 68 -11.85 -5.52 11.67
C LYS A 68 -11.41 -4.60 10.49
N GLU A 69 -12.38 -3.91 9.88
CA GLU A 69 -12.08 -3.09 8.55
C GLU A 69 -11.69 -1.66 9.06
N ILE A 70 -10.35 -1.48 9.37
CA ILE A 70 -9.69 -0.17 9.84
C ILE A 70 -9.52 0.87 8.69
N VAL A 71 -9.73 2.16 8.99
CA VAL A 71 -9.35 3.14 7.93
C VAL A 71 -8.37 4.23 8.48
N LEU A 72 -7.22 4.44 7.86
CA LEU A 72 -6.47 5.61 8.24
C LEU A 72 -6.42 6.54 7.12
N VAL A 73 -6.61 7.77 7.48
CA VAL A 73 -6.44 8.76 6.54
C VAL A 73 -5.53 9.75 7.17
N ASN A 74 -4.78 10.42 6.32
CA ASN A 74 -3.64 11.20 6.73
C ASN A 74 -2.80 10.53 7.87
N PRO A 75 -2.37 9.26 7.73
CA PRO A 75 -1.50 8.64 8.74
C PRO A 75 -0.27 9.41 8.85
N LYS A 76 0.49 9.20 9.94
CA LYS A 76 1.92 9.57 10.08
C LYS A 76 2.46 8.62 11.13
N ILE A 77 3.61 8.02 10.86
CA ILE A 77 4.23 7.23 11.89
C ILE A 77 4.89 8.21 12.92
N LYS A 78 4.40 8.23 14.16
CA LYS A 78 5.02 8.95 15.26
C LYS A 78 6.23 8.13 15.59
N LYS A 79 6.06 6.82 15.76
CA LYS A 79 7.23 6.05 16.14
C LYS A 79 7.27 4.66 15.54
N TYR A 80 8.51 4.27 15.32
CA TYR A 80 8.88 2.98 14.88
C TYR A 80 9.64 2.23 15.97
N SER A 81 9.31 0.95 16.18
CA SER A 81 10.08 0.19 17.14
C SER A 81 11.50 -0.21 16.64
N ASP A 82 12.48 -0.44 17.53
CA ASP A 82 13.82 -1.04 17.23
C ASP A 82 13.73 -2.50 16.67
N LYS A 83 13.13 -3.47 17.46
CA LYS A 83 12.67 -4.86 16.89
C LYS A 83 12.38 -4.84 15.34
N LEU A 84 13.13 -5.71 14.63
CA LEU A 84 13.09 -5.93 13.16
C LEU A 84 12.82 -7.43 12.84
N VAL A 85 12.07 -7.71 11.74
CA VAL A 85 11.39 -9.05 11.48
C VAL A 85 11.16 -9.26 10.00
N PRO A 86 11.42 -10.49 9.48
CA PRO A 86 11.06 -10.64 8.01
C PRO A 86 9.59 -11.08 7.77
N PHE A 87 9.19 -10.97 6.51
CA PHE A 87 7.88 -11.39 6.07
C PHE A 87 7.68 -11.27 4.65
N ASP A 88 7.10 -12.31 4.11
CA ASP A 88 6.93 -12.34 2.73
C ASP A 88 5.83 -11.35 2.64
N GLU A 89 5.98 -10.35 1.75
CA GLU A 89 4.86 -9.46 1.39
C GLU A 89 4.48 -9.73 -0.04
N GLY A 90 3.21 -9.49 -0.39
CA GLY A 90 2.81 -9.25 -1.79
C GLY A 90 2.16 -7.86 -1.96
N CYS A 91 2.04 -7.39 -3.18
CA CYS A 91 1.43 -6.09 -3.26
C CYS A 91 0.63 -6.27 -4.47
N LEU A 92 -0.57 -5.70 -4.44
CA LEU A 92 -1.44 -5.88 -5.58
C LEU A 92 -0.89 -5.12 -6.75
N SER A 93 -0.13 -4.06 -6.63
CA SER A 93 0.25 -3.44 -7.84
C SER A 93 1.32 -4.22 -8.45
N PHE A 94 1.59 -5.40 -7.91
CA PHE A 94 2.57 -6.35 -8.50
C PHE A 94 1.91 -7.74 -8.38
N PRO A 95 0.98 -7.99 -9.30
CA PRO A 95 0.20 -9.26 -9.49
C PRO A 95 1.20 -10.39 -9.43
N GLY A 96 1.00 -11.16 -8.36
CA GLY A 96 1.55 -12.48 -8.26
C GLY A 96 2.95 -12.50 -7.65
N ILE A 97 3.54 -11.33 -7.35
CA ILE A 97 4.93 -11.31 -6.90
C ILE A 97 5.17 -11.40 -5.32
N TYR A 98 5.80 -12.43 -4.73
CA TYR A 98 6.07 -12.30 -3.29
C TYR A 98 7.46 -12.43 -2.85
N ALA A 99 7.95 -11.49 -2.09
CA ALA A 99 9.32 -11.58 -1.78
C ALA A 99 9.36 -11.10 -0.37
N GLU A 100 10.37 -11.51 0.37
CA GLU A 100 10.52 -11.25 1.81
C GLU A 100 11.07 -9.83 1.94
N VAL A 101 10.43 -9.05 2.85
CA VAL A 101 10.78 -7.65 3.13
C VAL A 101 10.99 -7.66 4.60
N VAL A 102 11.89 -6.78 5.07
CA VAL A 102 12.24 -6.74 6.52
C VAL A 102 11.89 -5.36 7.07
N ARG A 103 11.18 -5.33 8.19
CA ARG A 103 10.49 -4.15 8.66
C ARG A 103 10.38 -4.16 10.15
N PRO A 104 10.06 -2.96 10.75
CA PRO A 104 9.94 -2.75 12.21
C PRO A 104 8.72 -3.51 12.80
N GLN A 105 8.88 -4.21 13.96
CA GLN A 105 7.80 -4.99 14.66
C GLN A 105 6.51 -4.17 14.92
N SER A 106 6.66 -3.06 15.64
CA SER A 106 5.45 -2.33 15.96
C SER A 106 5.57 -0.91 15.56
N VAL A 107 4.43 -0.24 15.33
CA VAL A 107 4.46 1.21 15.29
C VAL A 107 3.38 1.95 16.03
N LYS A 108 3.78 3.07 16.70
CA LYS A 108 2.84 4.11 17.11
C LYS A 108 2.48 4.97 15.85
N ILE A 109 1.25 5.49 15.77
CA ILE A 109 0.70 6.18 14.55
C ILE A 109 -0.27 7.33 14.97
N ASP A 110 -0.24 8.51 14.32
CA ASP A 110 -1.28 9.54 14.59
C ASP A 110 -2.13 9.62 13.33
N ALA A 111 -3.44 9.89 13.34
CA ALA A 111 -4.13 9.80 11.99
C ALA A 111 -5.56 10.17 12.00
N ARG A 112 -6.14 10.58 10.91
CA ARG A 112 -7.52 10.89 11.08
C ARG A 112 -8.26 9.65 10.71
N ASP A 113 -9.57 9.69 11.01
CA ASP A 113 -10.51 8.65 10.69
C ASP A 113 -11.59 9.22 9.71
N ILE A 114 -12.62 8.40 9.47
CA ILE A 114 -13.47 8.59 8.27
C ILE A 114 -14.46 9.77 8.40
N THR A 115 -14.57 10.24 9.65
CA THR A 115 -15.40 11.40 10.02
C THR A 115 -14.60 12.62 10.52
N GLY A 116 -13.32 12.42 10.87
CA GLY A 116 -12.38 13.56 10.97
C GLY A 116 -11.55 13.46 12.24
N GLU A 117 -12.20 13.05 13.32
CA GLU A 117 -11.49 12.74 14.61
C GLU A 117 -10.00 12.42 14.32
N ARG A 118 -9.05 13.12 14.92
CA ARG A 118 -7.70 12.58 14.91
C ARG A 118 -7.77 11.27 15.70
N PHE A 119 -6.69 10.47 15.69
CA PHE A 119 -6.45 9.49 16.76
C PHE A 119 -5.04 8.93 16.82
N SER A 120 -4.85 7.93 17.67
CA SER A 120 -3.50 7.57 18.10
C SER A 120 -3.35 6.08 18.50
N ILE A 121 -3.06 5.25 17.54
CA ILE A 121 -3.13 3.85 17.81
C ILE A 121 -1.65 3.43 17.80
N SER A 122 -1.30 2.39 18.54
CA SER A 122 -0.02 1.75 18.30
C SER A 122 -0.44 0.56 17.49
N LEU A 123 0.48 -0.33 17.11
CA LEU A 123 0.16 -1.42 16.19
C LEU A 123 1.25 -2.46 16.13
N SER A 124 0.90 -3.77 16.16
CA SER A 124 1.98 -4.83 16.03
C SER A 124 1.60 -5.97 15.07
N ARG A 125 2.18 -7.16 15.25
CA ARG A 125 1.95 -8.39 14.45
C ARG A 125 1.71 -8.13 12.99
N LEU A 126 0.70 -8.83 12.46
CA LEU A 126 0.29 -8.44 11.10
C LEU A 126 -0.21 -7.03 11.00
N PRO A 127 -1.15 -6.62 11.88
CA PRO A 127 -1.63 -5.25 11.71
C PRO A 127 -0.41 -4.40 11.43
N ALA A 128 0.28 -3.81 12.44
CA ALA A 128 1.40 -2.95 12.12
C ALA A 128 1.90 -3.30 10.71
N ARG A 129 2.39 -4.55 10.48
CA ARG A 129 3.07 -4.89 9.18
C ARG A 129 2.38 -4.30 7.89
N ILE A 130 1.20 -4.79 7.49
CA ILE A 130 0.39 -4.06 6.55
C ILE A 130 0.35 -2.55 6.64
N PHE A 131 0.10 -2.03 7.84
CA PHE A 131 0.01 -0.62 8.00
C PHE A 131 1.11 -0.03 7.24
N GLN A 132 2.32 -0.48 7.54
CA GLN A 132 3.53 0.12 6.94
C GLN A 132 3.47 -0.05 5.45
N HIS A 133 3.05 -1.27 5.02
CA HIS A 133 3.06 -1.59 3.60
C HIS A 133 2.21 -0.57 2.92
N GLU A 134 1.03 -0.32 3.44
CA GLU A 134 0.24 0.72 2.78
C GLU A 134 0.81 2.12 3.15
N TYR A 135 1.29 2.26 4.38
CA TYR A 135 1.81 3.54 4.73
C TYR A 135 2.87 3.96 3.61
N ASP A 136 3.77 3.04 3.18
CA ASP A 136 4.76 3.39 2.13
C ASP A 136 4.00 3.84 0.83
N HIS A 137 3.04 3.05 0.38
CA HIS A 137 2.35 3.47 -0.80
C HIS A 137 2.00 5.00 -0.71
N LEU A 138 1.73 5.47 0.51
CA LEU A 138 1.13 6.80 0.64
C LEU A 138 2.21 7.74 0.28
N GLU A 139 3.42 7.25 0.40
CA GLU A 139 4.48 8.15 0.41
C GLU A 139 5.48 7.93 -0.74
N GLY A 140 5.07 7.27 -1.82
CA GLY A 140 5.86 7.21 -3.03
C GLY A 140 6.57 5.87 -3.05
N VAL A 141 6.48 5.05 -1.99
CA VAL A 141 7.50 3.99 -1.81
C VAL A 141 6.92 2.67 -1.95
N LEU A 142 7.54 1.88 -2.83
CA LEU A 142 6.92 0.62 -3.29
C LEU A 142 7.65 -0.50 -2.56
N PHE A 143 7.03 -1.70 -2.49
CA PHE A 143 7.77 -2.72 -1.68
C PHE A 143 9.16 -3.14 -2.21
N PHE A 144 9.43 -3.21 -3.47
CA PHE A 144 10.72 -3.58 -3.71
C PHE A 144 11.78 -2.51 -3.32
N ASP A 145 11.38 -1.24 -3.15
CA ASP A 145 12.39 -0.29 -2.59
C ASP A 145 12.83 -0.83 -1.24
N ARG A 146 11.96 -1.50 -0.46
CA ARG A 146 12.39 -1.95 0.88
C ARG A 146 13.22 -3.24 0.96
N MET A 147 13.48 -3.86 -0.21
CA MET A 147 14.16 -5.16 -0.22
C MET A 147 15.72 -5.12 -0.16
N THR A 148 16.29 -6.23 0.28
CA THR A 148 17.76 -6.27 0.47
C THR A 148 18.46 -6.60 -0.90
N ASP A 149 19.66 -6.11 -1.18
CA ASP A 149 20.21 -6.27 -2.54
C ASP A 149 19.97 -7.71 -3.16
N GLN A 150 20.09 -8.77 -2.32
CA GLN A 150 20.01 -10.23 -2.70
C GLN A 150 18.63 -10.59 -3.15
N VAL A 151 17.67 -10.21 -2.30
CA VAL A 151 16.21 -10.51 -2.50
C VAL A 151 15.74 -9.93 -3.86
N LEU A 152 15.80 -8.60 -3.98
CA LEU A 152 15.55 -7.88 -5.23
C LEU A 152 16.20 -8.73 -6.33
N ASP A 153 17.51 -9.11 -6.20
CA ASP A 153 18.10 -10.03 -7.22
C ASP A 153 17.03 -11.12 -7.63
N SER A 154 16.47 -11.82 -6.67
CA SER A 154 15.33 -12.72 -6.98
C SER A 154 14.07 -12.16 -7.74
N ILE A 155 13.74 -10.88 -7.67
CA ILE A 155 12.59 -10.57 -8.51
C ILE A 155 12.85 -9.70 -9.74
N ARG A 156 14.11 -9.30 -9.97
CA ARG A 156 14.50 -8.37 -11.06
C ARG A 156 13.61 -8.64 -12.23
N GLU A 157 13.60 -9.95 -12.60
CA GLU A 157 13.12 -10.39 -13.99
C GLU A 157 11.59 -10.28 -14.08
N GLU A 158 10.97 -10.31 -12.93
CA GLU A 158 9.53 -10.36 -12.88
C GLU A 158 9.06 -8.96 -13.02
N LEU A 159 9.66 -8.08 -12.20
CA LEU A 159 9.33 -6.65 -12.27
C LEU A 159 9.75 -6.14 -13.63
N GLU A 160 10.89 -6.59 -14.16
CA GLU A 160 11.08 -6.31 -15.56
C GLU A 160 9.88 -6.72 -16.40
N ALA A 161 9.32 -7.89 -16.24
CA ALA A 161 8.14 -8.24 -17.10
C ALA A 161 7.03 -7.20 -17.07
N LEU A 162 6.65 -6.83 -15.87
CA LEU A 162 5.82 -5.66 -15.61
C LEU A 162 6.21 -4.39 -16.36
N GLU A 163 7.47 -4.05 -16.40
CA GLU A 163 7.78 -2.86 -17.04
C GLU A 163 7.36 -3.01 -18.52
N LYS A 164 7.49 -4.20 -19.07
CA LYS A 164 7.21 -4.34 -20.49
C LYS A 164 5.69 -4.28 -20.75
N LYS A 165 4.89 -4.89 -19.85
CA LYS A 165 3.48 -4.90 -20.04
C LYS A 165 3.13 -3.43 -20.06
N TYR A 166 3.70 -2.64 -19.16
CA TYR A 166 3.34 -1.23 -19.13
C TYR A 166 3.63 -0.59 -20.51
N GLU A 167 4.86 -0.86 -21.02
CA GLU A 167 5.35 -0.36 -22.26
C GLU A 167 4.51 -0.70 -23.48
N GLU A 168 4.02 -1.94 -23.53
CA GLU A 168 3.08 -2.46 -24.56
C GLU A 168 1.67 -1.82 -24.60
N LYS A 169 1.06 -1.77 -23.44
CA LYS A 169 -0.10 -1.01 -23.21
C LYS A 169 0.15 0.49 -23.40
N THR A 170 1.20 1.10 -22.88
CA THR A 170 1.07 2.55 -22.86
C THR A 170 1.57 3.19 -24.11
N GLY A 171 2.41 2.46 -24.86
CA GLY A 171 3.22 3.14 -25.86
C GLY A 171 4.41 3.86 -25.23
N LEU A 172 4.24 4.38 -24.03
CA LEU A 172 5.35 5.11 -23.45
C LEU A 172 6.37 4.11 -22.88
N PRO A 173 7.64 4.53 -22.79
CA PRO A 173 8.63 3.83 -22.01
C PRO A 173 8.24 3.95 -20.56
N SER A 174 8.76 2.96 -19.82
CA SER A 174 8.51 2.75 -18.40
C SER A 174 9.14 3.91 -17.68
N PRO A 175 8.29 4.68 -17.02
CA PRO A 175 8.78 5.85 -16.40
C PRO A 175 9.87 5.53 -15.43
N GLU A 176 10.04 4.26 -15.01
CA GLU A 176 11.13 3.82 -14.08
C GLU A 176 11.56 2.35 -14.29
N ARG A 177 12.86 2.03 -14.28
CA ARG A 177 13.25 0.70 -14.58
C ARG A 177 13.95 0.19 -13.40
N VAL A 178 13.70 -1.02 -12.92
CA VAL A 178 14.43 -1.55 -11.73
C VAL A 178 15.92 -1.89 -11.87
N GLU A 179 16.47 -2.01 -13.08
CA GLU A 179 17.92 -2.04 -13.25
C GLU A 179 18.57 -0.77 -12.63
N ALA A 180 17.94 0.41 -12.87
CA ALA A 180 18.06 1.55 -11.96
C ALA A 180 18.33 1.05 -10.58
ZN ZN B . 1.06 -2.68 -2.15
ZN ZN C . -8.33 -15.27 1.46
ZN ZN D . 16.89 -5.78 -17.71
ZN ZN E . -13.38 -0.54 -13.86
ZN ZN F . -8.98 18.72 -1.11
ZN ZN G . -18.96 -2.81 0.49
BR BB4 H . 2.37 -6.41 3.91
N1 BB4 H . -1.24 -3.39 -0.66
O2 BB4 H . -1.24 -4.85 -2.51
N3 BB4 H . -1.10 -9.53 -0.16
C4 BB4 H . -1.82 -8.42 -0.61
C5 BB4 H . -1.52 -7.23 -0.06
C6 BB4 H . -0.51 -7.65 0.82
C7 BB4 H . 0.32 -6.92 1.74
C8 BB4 H . 1.34 -7.58 2.59
C9 BB4 H . 1.48 -9.04 2.42
C10 BB4 H . 0.65 -9.78 1.52
C11 BB4 H . -0.28 -9.10 0.75
C12 BB4 H . -2.21 -5.87 -0.38
C13 BB4 H . -1.51 -4.65 -1.30
O14 BB4 H . -0.64 -2.22 -1.20
#